data_1KGA
# 
_entry.id   1KGA 
# 
_audit_conform.dict_name       mmcif_pdbx.dic 
_audit_conform.dict_version    5.386 
_audit_conform.dict_location   http://mmcif.pdb.org/dictionaries/ascii/mmcif_pdbx.dic 
# 
loop_
_database_2.database_id 
_database_2.database_code 
_database_2.pdbx_database_accession 
_database_2.pdbx_DOI 
PDB   1KGA         pdb_00001kga 10.2210/pdb1kga/pdb 
WWPDB D_1000174424 ?            ?                   
# 
loop_
_pdbx_audit_revision_history.ordinal 
_pdbx_audit_revision_history.data_content_type 
_pdbx_audit_revision_history.major_revision 
_pdbx_audit_revision_history.minor_revision 
_pdbx_audit_revision_history.revision_date 
1 'Structure model' 1 0 1978-10-13 
2 'Structure model' 1 1 2008-03-24 
3 'Structure model' 1 2 2011-07-13 
4 'Structure model' 1 3 2024-02-07 
# 
_pdbx_audit_revision_details.ordinal             1 
_pdbx_audit_revision_details.revision_ordinal    1 
_pdbx_audit_revision_details.data_content_type   'Structure model' 
_pdbx_audit_revision_details.provider            repository 
_pdbx_audit_revision_details.type                'Initial release' 
_pdbx_audit_revision_details.description         ? 
_pdbx_audit_revision_details.details             ? 
# 
loop_
_pdbx_audit_revision_group.ordinal 
_pdbx_audit_revision_group.revision_ordinal 
_pdbx_audit_revision_group.data_content_type 
_pdbx_audit_revision_group.group 
1 2 'Structure model' 'Version format compliance' 
2 3 'Structure model' 'Version format compliance' 
3 4 'Structure model' 'Database references'       
4 4 'Structure model' Other                       
# 
loop_
_pdbx_audit_revision_category.ordinal 
_pdbx_audit_revision_category.revision_ordinal 
_pdbx_audit_revision_category.data_content_type 
_pdbx_audit_revision_category.category 
1 4 'Structure model' database_2           
2 4 'Structure model' pdbx_database_status 
# 
loop_
_pdbx_audit_revision_item.ordinal 
_pdbx_audit_revision_item.revision_ordinal 
_pdbx_audit_revision_item.data_content_type 
_pdbx_audit_revision_item.item 
1 4 'Structure model' '_database_2.pdbx_DOI'                
2 4 'Structure model' '_database_2.pdbx_database_accession' 
3 4 'Structure model' '_pdbx_database_status.process_site'  
# 
_pdbx_database_status.status_code                     REL 
_pdbx_database_status.entry_id                        1KGA 
_pdbx_database_status.recvd_initial_deposition_date   1978-08-21 
_pdbx_database_status.deposit_site                    ? 
_pdbx_database_status.process_site                    BNL 
_pdbx_database_status.SG_entry                        . 
_pdbx_database_status.status_code_sf                  ? 
_pdbx_database_status.status_code_mr                  ? 
_pdbx_database_status.pdb_format_compatible           Y 
_pdbx_database_status.status_code_cs                  ? 
_pdbx_database_status.status_code_nmr_data            ? 
_pdbx_database_status.methods_development_category    ? 
# 
_audit_author.name           'Tulinsky, A.' 
_audit_author.pdbx_ordinal   1 
# 
loop_
_citation.id 
_citation.title 
_citation.journal_abbrev 
_citation.journal_volume 
_citation.page_first 
_citation.page_last 
_citation.year 
_citation.journal_id_ASTM 
_citation.country 
_citation.journal_id_ISSN 
_citation.journal_id_CSD 
_citation.book_publisher 
_citation.pdbx_database_id_PubMed 
_citation.pdbx_database_id_DOI 
primary 'Structure of 2-keto-3-deoxy-6-phosphogluconate aldolase at 2 . 8 A resolution.' J.Mol.Biol. 162 419  444 1982 JMOBAK UK 
0022-2836 0070 ? 7161801 '10.1016/0022-2836(82)90536-8' 
1       
;Comparison of the Folding of 2-Keto-3-Deoxy-6-Phosphogluconate Aldolase, Triosephosphate Isomerase and Pyruvate Kinase. Implications in Molecular Evolution
;
J.Mol.Biol.                                     162 445  ?   1982 JMOBAK UK 0022-2836 0070 ? ?       ? 
2       
;The Folding and Structure of 2-Keto-3-Deoxy-6-Phosphogluconic Aldolase (Kdpg Aldolase) from Pseudomonas Putida, Interpreted in Light of the Amino Acid Sequence
;
'Am.Cryst.Assoc.,Abstr.Papers (Winter Meeting)' 6   29   ?   1978 ?      US 0569-4221 0123 ? ?       ? 
3       'The Folding and Quaternary Structure of Trimeric 2-Keto-3-Deoxy-6-Phosphogluconic Aldolase at 3.5-Angstroms Resolution' 
Biochemistry                                    15  4410 ?   1976 BICHAW US 0006-2960 0033 ? ?       ? 
4       
'Confirmation of a Trimeric Subunit Arrangement for 2-Keto-3-Deoxy-6-Phosphogluconic Aldolase Using X-Ray Crystallographic Methods' 
J.Biol.Chem.                                    248 2251 ?   1973 JBCHA3 US 0021-9258 0071 ? ?       ? 
# 
loop_
_citation_author.citation_id 
_citation_author.name 
_citation_author.ordinal 
_citation_author.identifier_ORCID 
primary 'Mavridis, I.M.' 1  ? 
primary 'Hatada, M.H.'   2  ? 
primary 'Tulinsky, A.'   3  ? 
primary 'Lebioda, L.'    4  ? 
1       'Lebioda, L.'    5  ? 
1       'Hatada, M.H.'   6  ? 
1       'Tulinsky, A.'   7  ? 
1       'Mavridis, I.M.' 8  ? 
2       'Frentup, M.'    9  ? 
2       'Weber, L.D.'    10 ? 
2       'Tulinsky, A.'   11 ? 
3       'Mavridis, I.M.' 12 ? 
3       'Tulinsky, A.'   13 ? 
4       'Vandlen, R.L.'  14 ? 
4       'Ersfeld, D.L.'  15 ? 
4       'Tulinsky, A.'   16 ? 
4       'Wood, W.A.'     17 ? 
# 
_entity.id                         1 
_entity.type                       polymer 
_entity.src_method                 man 
_entity.pdbx_description           '2-KETO-3-DEOXY-6-PHOSPHOGLUCONATE ALDOLASE' 
_entity.formula_weight             18655.930 
_entity.pdbx_number_of_molecules   1 
_entity.pdbx_ec                    4.1.2.14 
_entity.pdbx_mutation              ? 
_entity.pdbx_fragment              ? 
_entity.details                    ? 
# 
_entity_poly.entity_id                      1 
_entity_poly.type                           'polypeptide(L)' 
_entity_poly.nstd_linkage                   no 
_entity_poly.nstd_monomer                   no 
_entity_poly.pdbx_seq_one_letter_code       
;(UNK)(UNK)(UNK)(UNK)(UNK)(UNK)(UNK)(UNK)(UNK)(UNK)(UNK)(UNK)(UNK)(UNK)(UNK)(UNK)
(UNK)(UNK)(UNK)(UNK)(UNK)(UNK)(UNK)(UNK)(UNK)(UNK)(UNK)(UNK)(UNK)(UNK)(UNK)(UNK)
(UNK)(UNK)(UNK)(UNK)(UNK)(UNK)(UNK)(UNK)(UNK)(UNK)(UNK)(UNK)(UNK)(UNK)(UNK)(UNK)
(UNK)(UNK)(UNK)(UNK)(UNK)(UNK)(UNK)(UNK)(UNK)(UNK)(UNK)(UNK)(UNK)(UNK)(UNK)(UNK)
(UNK)(UNK)(UNK)(UNK)(UNK)(UNK)(UNK)(UNK)(UNK)(UNK)(UNK)(UNK)(UNK)(UNK)(UNK)(UNK)
(UNK)(UNK)(UNK)(UNK)(UNK)(UNK)(UNK)(UNK)(UNK)(UNK)(UNK)(UNK)(UNK)(UNK)(UNK)(UNK)
(UNK)(UNK)(UNK)(UNK)(UNK)(UNK)(UNK)(UNK)(UNK)(UNK)(UNK)(UNK)(UNK)(UNK)(UNK)(UNK)
(UNK)(UNK)(UNK)(UNK)(UNK)(UNK)(UNK)(UNK)(UNK)(UNK)(UNK)(UNK)(UNK)(UNK)(UNK)(UNK)
(UNK)(UNK)(UNK)(UNK)(UNK)(UNK)(UNK)(UNK)(UNK)(UNK)(UNK)(UNK)(UNK)(UNK)(UNK)(UNK)
(UNK)(UNK)(UNK)(UNK)(UNK)(UNK)(UNK)(UNK)(UNK)(UNK)(UNK)(UNK)(UNK)(UNK)(UNK)(UNK)
(UNK)(UNK)(UNK)(UNK)(UNK)(UNK)(UNK)(UNK)(UNK)(UNK)(UNK)(UNK)(UNK)(UNK)(UNK)(UNK)
(UNK)(UNK)(UNK)(UNK)(UNK)(UNK)(UNK)(UNK)(UNK)(UNK)(UNK)(UNK)(UNK)(UNK)(UNK)(UNK)
(UNK)(UNK)(UNK)(UNK)(UNK)(UNK)(UNK)(UNK)(UNK)(UNK)(UNK)(UNK)(UNK)(UNK)(UNK)(UNK)
(UNK)(UNK)(UNK)(UNK)(UNK)(UNK)(UNK)(UNK)(UNK)(UNK)(UNK)
;
_entity_poly.pdbx_seq_one_letter_code_can   
;XXXXXXXXXXXXXXXXXXXXXXXXXXXXXXXXXXXXXXXXXXXXXXXXXXXXXXXXXXXXXXXXXXXXXXXXXXXXXXXX
XXXXXXXXXXXXXXXXXXXXXXXXXXXXXXXXXXXXXXXXXXXXXXXXXXXXXXXXXXXXXXXXXXXXXXXXXXXXXXXX
XXXXXXXXXXXXXXXXXXXXXXXXXXXXXXXXXXXXXXXXXXXXXXXXXXXXXXXXXXX
;
_entity_poly.pdbx_strand_id                 A 
_entity_poly.pdbx_target_identifier         ? 
# 
loop_
_entity_poly_seq.entity_id 
_entity_poly_seq.num 
_entity_poly_seq.mon_id 
_entity_poly_seq.hetero 
1 1   UNK n 
1 2   UNK n 
1 3   UNK n 
1 4   UNK n 
1 5   UNK n 
1 6   UNK n 
1 7   UNK n 
1 8   UNK n 
1 9   UNK n 
1 10  UNK n 
1 11  UNK n 
1 12  UNK n 
1 13  UNK n 
1 14  UNK n 
1 15  UNK n 
1 16  UNK n 
1 17  UNK n 
1 18  UNK n 
1 19  UNK n 
1 20  UNK n 
1 21  UNK n 
1 22  UNK n 
1 23  UNK n 
1 24  UNK n 
1 25  UNK n 
1 26  UNK n 
1 27  UNK n 
1 28  UNK n 
1 29  UNK n 
1 30  UNK n 
1 31  UNK n 
1 32  UNK n 
1 33  UNK n 
1 34  UNK n 
1 35  UNK n 
1 36  UNK n 
1 37  UNK n 
1 38  UNK n 
1 39  UNK n 
1 40  UNK n 
1 41  UNK n 
1 42  UNK n 
1 43  UNK n 
1 44  UNK n 
1 45  UNK n 
1 46  UNK n 
1 47  UNK n 
1 48  UNK n 
1 49  UNK n 
1 50  UNK n 
1 51  UNK n 
1 52  UNK n 
1 53  UNK n 
1 54  UNK n 
1 55  UNK n 
1 56  UNK n 
1 57  UNK n 
1 58  UNK n 
1 59  UNK n 
1 60  UNK n 
1 61  UNK n 
1 62  UNK n 
1 63  UNK n 
1 64  UNK n 
1 65  UNK n 
1 66  UNK n 
1 67  UNK n 
1 68  UNK n 
1 69  UNK n 
1 70  UNK n 
1 71  UNK n 
1 72  UNK n 
1 73  UNK n 
1 74  UNK n 
1 75  UNK n 
1 76  UNK n 
1 77  UNK n 
1 78  UNK n 
1 79  UNK n 
1 80  UNK n 
1 81  UNK n 
1 82  UNK n 
1 83  UNK n 
1 84  UNK n 
1 85  UNK n 
1 86  UNK n 
1 87  UNK n 
1 88  UNK n 
1 89  UNK n 
1 90  UNK n 
1 91  UNK n 
1 92  UNK n 
1 93  UNK n 
1 94  UNK n 
1 95  UNK n 
1 96  UNK n 
1 97  UNK n 
1 98  UNK n 
1 99  UNK n 
1 100 UNK n 
1 101 UNK n 
1 102 UNK n 
1 103 UNK n 
1 104 UNK n 
1 105 UNK n 
1 106 UNK n 
1 107 UNK n 
1 108 UNK n 
1 109 UNK n 
1 110 UNK n 
1 111 UNK n 
1 112 UNK n 
1 113 UNK n 
1 114 UNK n 
1 115 UNK n 
1 116 UNK n 
1 117 UNK n 
1 118 UNK n 
1 119 UNK n 
1 120 UNK n 
1 121 UNK n 
1 122 UNK n 
1 123 UNK n 
1 124 UNK n 
1 125 UNK n 
1 126 UNK n 
1 127 UNK n 
1 128 UNK n 
1 129 UNK n 
1 130 UNK n 
1 131 UNK n 
1 132 UNK n 
1 133 UNK n 
1 134 UNK n 
1 135 UNK n 
1 136 UNK n 
1 137 UNK n 
1 138 UNK n 
1 139 UNK n 
1 140 UNK n 
1 141 UNK n 
1 142 UNK n 
1 143 UNK n 
1 144 UNK n 
1 145 UNK n 
1 146 UNK n 
1 147 UNK n 
1 148 UNK n 
1 149 UNK n 
1 150 UNK n 
1 151 UNK n 
1 152 UNK n 
1 153 UNK n 
1 154 UNK n 
1 155 UNK n 
1 156 UNK n 
1 157 UNK n 
1 158 UNK n 
1 159 UNK n 
1 160 UNK n 
1 161 UNK n 
1 162 UNK n 
1 163 UNK n 
1 164 UNK n 
1 165 UNK n 
1 166 UNK n 
1 167 UNK n 
1 168 UNK n 
1 169 UNK n 
1 170 UNK n 
1 171 UNK n 
1 172 UNK n 
1 173 UNK n 
1 174 UNK n 
1 175 UNK n 
1 176 UNK n 
1 177 UNK n 
1 178 UNK n 
1 179 UNK n 
1 180 UNK n 
1 181 UNK n 
1 182 UNK n 
1 183 UNK n 
1 184 UNK n 
1 185 UNK n 
1 186 UNK n 
1 187 UNK n 
1 188 UNK n 
1 189 UNK n 
1 190 UNK n 
1 191 UNK n 
1 192 UNK n 
1 193 UNK n 
1 194 UNK n 
1 195 UNK n 
1 196 UNK n 
1 197 UNK n 
1 198 UNK n 
1 199 UNK n 
1 200 UNK n 
1 201 UNK n 
1 202 UNK n 
1 203 UNK n 
1 204 UNK n 
1 205 UNK n 
1 206 UNK n 
1 207 UNK n 
1 208 UNK n 
1 209 UNK n 
1 210 UNK n 
1 211 UNK n 
1 212 UNK n 
1 213 UNK n 
1 214 UNK n 
1 215 UNK n 
1 216 UNK n 
1 217 UNK n 
1 218 UNK n 
1 219 UNK n 
# 
_entity_src_gen.entity_id                          1 
_entity_src_gen.pdbx_src_id                        1 
_entity_src_gen.pdbx_alt_source_flag               sample 
_entity_src_gen.pdbx_seq_type                      ? 
_entity_src_gen.pdbx_beg_seq_num                   ? 
_entity_src_gen.pdbx_end_seq_num                   ? 
_entity_src_gen.gene_src_common_name               ? 
_entity_src_gen.gene_src_genus                     ? 
_entity_src_gen.pdbx_gene_src_gene                 ? 
_entity_src_gen.gene_src_species                   ? 
_entity_src_gen.gene_src_strain                    ? 
_entity_src_gen.gene_src_tissue                    ? 
_entity_src_gen.gene_src_tissue_fraction           ? 
_entity_src_gen.gene_src_details                   ? 
_entity_src_gen.pdbx_gene_src_fragment             ? 
_entity_src_gen.pdbx_gene_src_scientific_name      'Pseudomonas putida' 
_entity_src_gen.pdbx_gene_src_ncbi_taxonomy_id     303 
_entity_src_gen.pdbx_gene_src_variant              ? 
_entity_src_gen.pdbx_gene_src_cell_line            ? 
_entity_src_gen.pdbx_gene_src_atcc                 ? 
_entity_src_gen.pdbx_gene_src_organ                ? 
_entity_src_gen.pdbx_gene_src_organelle            ? 
_entity_src_gen.pdbx_gene_src_cell                 ? 
_entity_src_gen.pdbx_gene_src_cellular_location    ? 
_entity_src_gen.host_org_common_name               ? 
_entity_src_gen.pdbx_host_org_scientific_name      ? 
_entity_src_gen.pdbx_host_org_ncbi_taxonomy_id     ? 
_entity_src_gen.host_org_genus                     ? 
_entity_src_gen.pdbx_host_org_gene                 ? 
_entity_src_gen.pdbx_host_org_organ                ? 
_entity_src_gen.host_org_species                   ? 
_entity_src_gen.pdbx_host_org_tissue               ? 
_entity_src_gen.pdbx_host_org_tissue_fraction      ? 
_entity_src_gen.pdbx_host_org_strain               ? 
_entity_src_gen.pdbx_host_org_variant              ? 
_entity_src_gen.pdbx_host_org_cell_line            ? 
_entity_src_gen.pdbx_host_org_atcc                 ? 
_entity_src_gen.pdbx_host_org_culture_collection   ? 
_entity_src_gen.pdbx_host_org_cell                 ? 
_entity_src_gen.pdbx_host_org_organelle            ? 
_entity_src_gen.pdbx_host_org_cellular_location    ? 
_entity_src_gen.pdbx_host_org_vector_type          ? 
_entity_src_gen.pdbx_host_org_vector               ? 
_entity_src_gen.host_org_details                   ? 
_entity_src_gen.expression_system_id               ? 
_entity_src_gen.plasmid_name                       ? 
_entity_src_gen.plasmid_details                    ? 
_entity_src_gen.pdbx_description                   ? 
# 
_chem_comp.id               UNK 
_chem_comp.type             'L-peptide linking' 
_chem_comp.mon_nstd_flag    . 
_chem_comp.name             UNKNOWN 
_chem_comp.pdbx_synonyms    ? 
_chem_comp.formula          'C4 H9 N O2' 
_chem_comp.formula_weight   103.120 
# 
loop_
_pdbx_poly_seq_scheme.asym_id 
_pdbx_poly_seq_scheme.entity_id 
_pdbx_poly_seq_scheme.seq_id 
_pdbx_poly_seq_scheme.mon_id 
_pdbx_poly_seq_scheme.ndb_seq_num 
_pdbx_poly_seq_scheme.pdb_seq_num 
_pdbx_poly_seq_scheme.auth_seq_num 
_pdbx_poly_seq_scheme.pdb_mon_id 
_pdbx_poly_seq_scheme.auth_mon_id 
_pdbx_poly_seq_scheme.pdb_strand_id 
_pdbx_poly_seq_scheme.pdb_ins_code 
_pdbx_poly_seq_scheme.hetero 
A 1 1   UNK 1   -37 ?   ?   ?   A . n 
A 1 2   UNK 2   -36 ?   ?   ?   A . n 
A 1 3   UNK 3   -35 ?   ?   ?   A . n 
A 1 4   UNK 4   -34 ?   ?   ?   A . n 
A 1 5   UNK 5   -33 ?   ?   ?   A . n 
A 1 6   UNK 6   -32 ?   ?   ?   A . n 
A 1 7   UNK 7   -31 ?   ?   ?   A . n 
A 1 8   UNK 8   -30 ?   ?   ?   A . n 
A 1 9   UNK 9   -29 ?   ?   ?   A . n 
A 1 10  UNK 10  -28 ?   ?   ?   A . n 
A 1 11  UNK 11  -27 ?   ?   ?   A . n 
A 1 12  UNK 12  -26 ?   ?   ?   A . n 
A 1 13  UNK 13  -25 ?   ?   ?   A . n 
A 1 14  UNK 14  -24 ?   ?   ?   A . n 
A 1 15  UNK 15  -23 ?   ?   ?   A . n 
A 1 16  UNK 16  -22 ?   ?   ?   A . n 
A 1 17  UNK 17  -21 ?   ?   ?   A . n 
A 1 18  UNK 18  -20 ?   ?   ?   A . n 
A 1 19  UNK 19  -19 ?   ?   ?   A . n 
A 1 20  UNK 20  -18 ?   ?   ?   A . n 
A 1 21  UNK 21  -17 ?   ?   ?   A . n 
A 1 22  UNK 22  -16 ?   ?   ?   A . n 
A 1 23  UNK 23  -15 ?   ?   ?   A . n 
A 1 24  UNK 24  -14 ?   ?   ?   A . n 
A 1 25  UNK 25  -13 ?   ?   ?   A . n 
A 1 26  UNK 26  -12 ?   ?   ?   A . n 
A 1 27  UNK 27  -11 ?   ?   ?   A . n 
A 1 28  UNK 28  -10 ?   ?   ?   A . n 
A 1 29  UNK 29  -9  ?   ?   ?   A . n 
A 1 30  UNK 30  -8  ?   ?   ?   A . n 
A 1 31  UNK 31  -7  ?   ?   ?   A . n 
A 1 32  UNK 32  -6  ?   ?   ?   A . n 
A 1 33  UNK 33  -5  ?   ?   ?   A . n 
A 1 34  UNK 34  -4  ?   ?   ?   A . n 
A 1 35  UNK 35  -3  ?   ?   ?   A . n 
A 1 36  UNK 36  -2  ?   ?   ?   A . n 
A 1 37  UNK 37  -1  ?   ?   ?   A . n 
A 1 38  UNK 38  0   ?   ?   ?   A . n 
A 1 39  UNK 39  1   ?   ?   ?   A . n 
A 1 40  UNK 40  2   ?   ?   ?   A . n 
A 1 41  UNK 41  3   ?   ?   ?   A . n 
A 1 42  UNK 42  4   ?   ?   ?   A . n 
A 1 43  UNK 43  5   ?   ?   ?   A . n 
A 1 44  UNK 44  6   ?   ?   ?   A . n 
A 1 45  UNK 45  7   ?   ?   ?   A . n 
A 1 46  UNK 46  8   ?   ?   ?   A . n 
A 1 47  UNK 47  9   9   UNK UNK A . n 
A 1 48  UNK 48  10  10  UNK UNK A . n 
A 1 49  UNK 49  11  11  UNK UNK A . n 
A 1 50  UNK 50  12  12  UNK UNK A . n 
A 1 51  UNK 51  13  13  UNK UNK A . n 
A 1 52  UNK 52  14  14  UNK UNK A . n 
A 1 53  UNK 53  15  15  UNK UNK A . n 
A 1 54  UNK 54  16  16  UNK UNK A . n 
A 1 55  UNK 55  17  17  UNK UNK A . n 
A 1 56  UNK 56  18  18  UNK UNK A . n 
A 1 57  UNK 57  19  19  UNK UNK A . n 
A 1 58  UNK 58  20  20  UNK UNK A . n 
A 1 59  UNK 59  21  21  UNK UNK A . n 
A 1 60  UNK 60  22  22  UNK UNK A . n 
A 1 61  UNK 61  23  23  UNK UNK A . n 
A 1 62  UNK 62  24  24  UNK UNK A . n 
A 1 63  UNK 63  25  25  UNK UNK A . n 
A 1 64  UNK 64  26  26  UNK UNK A . n 
A 1 65  UNK 65  27  27  UNK UNK A . n 
A 1 66  UNK 66  28  28  UNK UNK A . n 
A 1 67  UNK 67  29  29  UNK UNK A . n 
A 1 68  UNK 68  30  30  UNK UNK A . n 
A 1 69  UNK 69  31  31  UNK UNK A . n 
A 1 70  UNK 70  32  32  UNK UNK A . n 
A 1 71  UNK 71  33  33  UNK UNK A . n 
A 1 72  UNK 72  34  34  UNK UNK A . n 
A 1 73  UNK 73  35  35  UNK UNK A . n 
A 1 74  UNK 74  36  36  UNK UNK A . n 
A 1 75  UNK 75  37  37  UNK UNK A . n 
A 1 76  UNK 76  38  38  UNK UNK A . n 
A 1 77  UNK 77  39  39  UNK UNK A . n 
A 1 78  UNK 78  40  40  UNK UNK A . n 
A 1 79  UNK 79  41  41  UNK UNK A . n 
A 1 80  UNK 80  42  42  UNK UNK A . n 
A 1 81  UNK 81  43  43  UNK UNK A . n 
A 1 82  UNK 82  44  44  UNK UNK A . n 
A 1 83  UNK 83  45  45  UNK UNK A . n 
A 1 84  UNK 84  46  46  UNK UNK A . n 
A 1 85  UNK 85  47  47  UNK UNK A . n 
A 1 86  UNK 86  48  48  UNK UNK A . n 
A 1 87  UNK 87  49  49  UNK UNK A . n 
A 1 88  UNK 88  50  50  UNK UNK A . n 
A 1 89  UNK 89  51  51  UNK UNK A . n 
A 1 90  UNK 90  52  52  UNK UNK A . n 
A 1 91  UNK 91  53  53  UNK UNK A . n 
A 1 92  UNK 92  54  54  UNK UNK A . n 
A 1 93  UNK 93  55  55  UNK UNK A . n 
A 1 94  UNK 94  56  56  UNK UNK A . n 
A 1 95  UNK 95  57  57  UNK UNK A . n 
A 1 96  UNK 96  58  58  UNK UNK A . n 
A 1 97  UNK 97  59  59  UNK UNK A . n 
A 1 98  UNK 98  60  60  UNK UNK A . n 
A 1 99  UNK 99  61  61  UNK UNK A . n 
A 1 100 UNK 100 62  62  UNK UNK A . n 
A 1 101 UNK 101 63  63  UNK UNK A . n 
A 1 102 UNK 102 64  64  UNK UNK A . n 
A 1 103 UNK 103 65  65  UNK UNK A . n 
A 1 104 UNK 104 66  66  UNK UNK A . n 
A 1 105 UNK 105 67  67  UNK UNK A . n 
A 1 106 UNK 106 68  68  UNK UNK A . n 
A 1 107 UNK 107 69  69  UNK UNK A . n 
A 1 108 UNK 108 70  70  UNK UNK A . n 
A 1 109 UNK 109 71  71  UNK UNK A . n 
A 1 110 UNK 110 72  72  UNK UNK A . n 
A 1 111 UNK 111 73  73  UNK UNK A . n 
A 1 112 UNK 112 74  74  UNK UNK A . n 
A 1 113 UNK 113 75  75  UNK UNK A . n 
A 1 114 UNK 114 76  76  UNK UNK A . n 
A 1 115 UNK 115 77  77  UNK UNK A . n 
A 1 116 UNK 116 78  78  UNK UNK A . n 
A 1 117 UNK 117 79  79  UNK UNK A . n 
A 1 118 UNK 118 80  80  UNK UNK A . n 
A 1 119 UNK 119 81  81  UNK UNK A . n 
A 1 120 UNK 120 82  82  UNK UNK A . n 
A 1 121 UNK 121 83  83  UNK UNK A . n 
A 1 122 UNK 122 84  84  UNK UNK A . n 
A 1 123 UNK 123 85  85  UNK UNK A . n 
A 1 124 UNK 124 86  86  UNK UNK A . n 
A 1 125 UNK 125 87  87  UNK UNK A . n 
A 1 126 UNK 126 88  88  UNK UNK A . n 
A 1 127 UNK 127 89  89  UNK UNK A . n 
A 1 128 UNK 128 90  90  UNK UNK A . n 
A 1 129 UNK 129 91  91  UNK UNK A . n 
A 1 130 UNK 130 92  92  UNK UNK A . n 
A 1 131 UNK 131 93  93  UNK UNK A . n 
A 1 132 UNK 132 94  94  UNK UNK A . n 
A 1 133 UNK 133 95  95  UNK UNK A . n 
A 1 134 UNK 134 96  96  UNK UNK A . n 
A 1 135 UNK 135 97  97  UNK UNK A . n 
A 1 136 UNK 136 98  98  UNK UNK A . n 
A 1 137 UNK 137 99  99  UNK UNK A . n 
A 1 138 UNK 138 100 100 UNK UNK A . n 
A 1 139 UNK 139 101 101 UNK UNK A . n 
A 1 140 UNK 140 102 102 UNK UNK A . n 
A 1 141 UNK 141 103 103 UNK UNK A . n 
A 1 142 UNK 142 104 104 UNK UNK A . n 
A 1 143 UNK 143 105 105 UNK UNK A . n 
A 1 144 UNK 144 106 106 UNK UNK A . n 
A 1 145 UNK 145 107 107 UNK UNK A . n 
A 1 146 UNK 146 108 108 UNK UNK A . n 
A 1 147 UNK 147 109 109 UNK UNK A . n 
A 1 148 UNK 148 110 110 UNK UNK A . n 
A 1 149 UNK 149 111 111 UNK UNK A . n 
A 1 150 UNK 150 112 112 UNK UNK A . n 
A 1 151 UNK 151 113 113 UNK UNK A . n 
A 1 152 UNK 152 114 114 UNK UNK A . n 
A 1 153 UNK 153 115 115 UNK UNK A . n 
A 1 154 UNK 154 116 116 UNK UNK A . n 
A 1 155 UNK 155 117 117 UNK UNK A . n 
A 1 156 UNK 156 118 118 UNK UNK A . n 
A 1 157 UNK 157 119 119 UNK UNK A . n 
A 1 158 UNK 158 120 120 UNK UNK A . n 
A 1 159 UNK 159 121 121 UNK UNK A . n 
A 1 160 UNK 160 122 122 UNK UNK A . n 
A 1 161 UNK 161 123 123 UNK UNK A . n 
A 1 162 UNK 162 124 124 UNK UNK A . n 
A 1 163 UNK 163 125 125 UNK UNK A . n 
A 1 164 UNK 164 126 126 UNK UNK A . n 
A 1 165 UNK 165 127 127 UNK UNK A . n 
A 1 166 UNK 166 128 128 UNK UNK A . n 
A 1 167 UNK 167 129 129 UNK UNK A . n 
A 1 168 UNK 168 130 130 UNK UNK A . n 
A 1 169 UNK 169 131 131 UNK UNK A . n 
A 1 170 UNK 170 132 132 UNK UNK A . n 
A 1 171 UNK 171 133 133 UNK UNK A . n 
A 1 172 UNK 172 134 134 UNK UNK A . n 
A 1 173 UNK 173 135 135 UNK UNK A . n 
A 1 174 UNK 174 136 136 UNK UNK A . n 
A 1 175 UNK 175 137 137 UNK UNK A . n 
A 1 176 UNK 176 138 138 UNK UNK A . n 
A 1 177 UNK 177 139 139 UNK UNK A . n 
A 1 178 UNK 178 140 140 UNK UNK A . n 
A 1 179 UNK 179 141 141 UNK UNK A . n 
A 1 180 UNK 180 142 142 UNK UNK A . n 
A 1 181 UNK 181 143 143 UNK UNK A . n 
A 1 182 UNK 182 144 144 UNK UNK A . n 
A 1 183 UNK 183 145 145 UNK UNK A . n 
A 1 184 UNK 184 146 146 UNK UNK A . n 
A 1 185 UNK 185 147 147 UNK UNK A . n 
A 1 186 UNK 186 148 148 UNK UNK A . n 
A 1 187 UNK 187 149 149 UNK UNK A . n 
A 1 188 UNK 188 150 150 UNK UNK A . n 
A 1 189 UNK 189 151 151 UNK UNK A . n 
A 1 190 UNK 190 152 152 UNK UNK A . n 
A 1 191 UNK 191 153 153 UNK UNK A . n 
A 1 192 UNK 192 154 154 UNK UNK A . n 
A 1 193 UNK 193 155 155 UNK UNK A . n 
A 1 194 UNK 194 156 156 UNK UNK A . n 
A 1 195 UNK 195 157 157 UNK UNK A . n 
A 1 196 UNK 196 158 158 UNK UNK A . n 
A 1 197 UNK 197 159 159 UNK UNK A . n 
A 1 198 UNK 198 160 160 UNK UNK A . n 
A 1 199 UNK 199 161 161 UNK UNK A . n 
A 1 200 UNK 200 162 162 UNK UNK A . n 
A 1 201 UNK 201 163 163 UNK UNK A . n 
A 1 202 UNK 202 164 164 UNK UNK A . n 
A 1 203 UNK 203 165 165 UNK UNK A . n 
A 1 204 UNK 204 166 166 UNK UNK A . n 
A 1 205 UNK 205 167 167 UNK UNK A . n 
A 1 206 UNK 206 168 168 UNK UNK A . n 
A 1 207 UNK 207 169 169 UNK UNK A . n 
A 1 208 UNK 208 170 170 UNK UNK A . n 
A 1 209 UNK 209 171 171 UNK UNK A . n 
A 1 210 UNK 210 172 172 UNK UNK A . n 
A 1 211 UNK 211 173 173 UNK UNK A . n 
A 1 212 UNK 212 174 174 UNK UNK A . n 
A 1 213 UNK 213 175 175 UNK UNK A . n 
A 1 214 UNK 214 176 176 UNK UNK A . n 
A 1 215 UNK 215 177 177 UNK UNK A . n 
A 1 216 UNK 216 178 178 UNK UNK A . n 
A 1 217 UNK 217 179 179 UNK UNK A . n 
A 1 218 UNK 218 180 180 UNK UNK A . n 
A 1 219 UNK 219 181 181 UNK UNK A . n 
# 
_cell.entry_id           1KGA 
_cell.length_a           103.400 
_cell.length_b           103.400 
_cell.length_c           103.400 
_cell.angle_alpha        90.00 
_cell.angle_beta         90.00 
_cell.angle_gamma        90.00 
_cell.Z_PDB              36 
_cell.pdbx_unique_axis   ? 
_cell.length_a_esd       ? 
_cell.length_b_esd       ? 
_cell.length_c_esd       ? 
_cell.angle_alpha_esd    ? 
_cell.angle_beta_esd     ? 
_cell.angle_gamma_esd    ? 
# 
_symmetry.entry_id                         1KGA 
_symmetry.space_group_name_H-M             'P 21 3' 
_symmetry.pdbx_full_space_group_name_H-M   ? 
_symmetry.cell_setting                     ? 
_symmetry.Int_Tables_number                198 
_symmetry.space_group_name_Hall            ? 
# 
_exptl.entry_id          1KGA 
_exptl.method            'X-RAY DIFFRACTION' 
_exptl.crystals_number   ? 
# 
_exptl_crystal.id                    1 
_exptl_crystal.density_meas          ? 
_exptl_crystal.density_Matthews      4.94 
_exptl_crystal.density_percent_sol   75.09 
_exptl_crystal.description           ? 
_exptl_crystal.F_000                 ? 
_exptl_crystal.preparation           ? 
# 
_diffrn.id                     1 
_diffrn.ambient_temp           ? 
_diffrn.ambient_temp_details   ? 
_diffrn.crystal_id             1 
# 
_diffrn_radiation.diffrn_id                        1 
_diffrn_radiation.wavelength_id                    1 
_diffrn_radiation.monochromator                    ? 
_diffrn_radiation.pdbx_monochromatic_or_laue_m_l   ? 
_diffrn_radiation.pdbx_diffrn_protocol             ? 
_diffrn_radiation.pdbx_scattering_type             x-ray 
# 
_diffrn_radiation_wavelength.id           1 
_diffrn_radiation_wavelength.wavelength   . 
_diffrn_radiation_wavelength.wt           1.0 
# 
_refine.entry_id                                 1KGA 
_refine.ls_number_reflns_obs                     ? 
_refine.ls_number_reflns_all                     ? 
_refine.pdbx_ls_sigma_I                          ? 
_refine.pdbx_ls_sigma_F                          ? 
_refine.pdbx_data_cutoff_high_absF               ? 
_refine.pdbx_data_cutoff_low_absF                ? 
_refine.pdbx_data_cutoff_high_rms_absF           ? 
_refine.ls_d_res_low                             ? 
_refine.ls_d_res_high                            3.5 
_refine.ls_percent_reflns_obs                    ? 
_refine.ls_R_factor_obs                          ? 
_refine.ls_R_factor_all                          ? 
_refine.ls_R_factor_R_work                       ? 
_refine.ls_R_factor_R_free                       ? 
_refine.ls_R_factor_R_free_error                 ? 
_refine.ls_R_factor_R_free_error_details         ? 
_refine.ls_percent_reflns_R_free                 ? 
_refine.ls_number_reflns_R_free                  ? 
_refine.ls_number_parameters                     ? 
_refine.ls_number_restraints                     ? 
_refine.occupancy_min                            ? 
_refine.occupancy_max                            ? 
_refine.B_iso_mean                               ? 
_refine.aniso_B[1][1]                            ? 
_refine.aniso_B[2][2]                            ? 
_refine.aniso_B[3][3]                            ? 
_refine.aniso_B[1][2]                            ? 
_refine.aniso_B[1][3]                            ? 
_refine.aniso_B[2][3]                            ? 
_refine.solvent_model_details                    ? 
_refine.solvent_model_param_ksol                 ? 
_refine.solvent_model_param_bsol                 ? 
_refine.pdbx_ls_cross_valid_method               ? 
_refine.details                                  
;THE ORTHOGONAL AXIAL SYSTEM OF THIS ENTRY IS NOT THAT
OF THE STANDARD REPRESENTATION OF THE SPACE GROUP P 21 3.
THE *Z* AXIS OF THIS ENTRY IS PARALLEL TO A THREE-FOLD AXIS
OF THE SPACE GROUP AND CORRESPONDS TO A DIRECTION ALIGNED
WITH A BODY DIAGONAL OF THE CONVENTIONAL CUBIC UNIT CELL.
THIS TRIMER-FORMING AXIS PASSES THROUGH THE POINT X=53.2,
Y=-45.2.  THE TWO TRANSFORMATIONS GIVEN IN THE *MTRIX*
RECORDS BELOW MAY BE USED TO GENERATE COORDINATES FOR THE
REMAINING TWO SUBUNITS OF THE TRIMER IN THE COORDINATE
SYSTEM OF THIS ENTRY.  NOTE THAT THE THREE-FOLD AXIS
INDICATED HERE IS A TRUE CRYSTALLOGRAPHIC SYMMETRY ELEMENT
BUT IT IS EXPRESSED WITH RESPECT TO THE NON-STANDARD AXIAL
SYSTEM.
;
_refine.pdbx_starting_model                      ? 
_refine.pdbx_method_to_determine_struct          ? 
_refine.pdbx_isotropic_thermal_model             ? 
_refine.pdbx_stereochemistry_target_values       ? 
_refine.pdbx_stereochem_target_val_spec_case     ? 
_refine.pdbx_R_Free_selection_details            ? 
_refine.pdbx_overall_ESU_R                       ? 
_refine.pdbx_overall_ESU_R_Free                  ? 
_refine.overall_SU_ML                            ? 
_refine.overall_SU_B                             ? 
_refine.ls_redundancy_reflns_obs                 ? 
_refine.pdbx_overall_phase_error                 ? 
_refine.B_iso_min                                ? 
_refine.B_iso_max                                ? 
_refine.correlation_coeff_Fo_to_Fc               ? 
_refine.correlation_coeff_Fo_to_Fc_free          ? 
_refine.pdbx_solvent_vdw_probe_radii             ? 
_refine.pdbx_solvent_ion_probe_radii             ? 
_refine.pdbx_solvent_shrinkage_radii             ? 
_refine.overall_SU_R_Cruickshank_DPI             ? 
_refine.overall_SU_R_free                        ? 
_refine.ls_wR_factor_R_free                      ? 
_refine.ls_wR_factor_R_work                      ? 
_refine.overall_FOM_free_R_set                   ? 
_refine.overall_FOM_work_R_set                   ? 
_refine.pdbx_refine_id                           'X-RAY DIFFRACTION' 
_refine.pdbx_diffrn_id                           1 
_refine.pdbx_TLS_residual_ADP_flag               ? 
_refine.pdbx_overall_SU_R_free_Cruickshank_DPI   ? 
_refine.pdbx_overall_SU_R_Blow_DPI               ? 
_refine.pdbx_overall_SU_R_free_Blow_DPI          ? 
# 
_refine_hist.pdbx_refine_id                   'X-RAY DIFFRACTION' 
_refine_hist.cycle_id                         LAST 
_refine_hist.pdbx_number_atoms_protein        173 
_refine_hist.pdbx_number_atoms_nucleic_acid   0 
_refine_hist.pdbx_number_atoms_ligand         0 
_refine_hist.number_atoms_solvent             0 
_refine_hist.number_atoms_total               173 
_refine_hist.d_res_high                       3.5 
_refine_hist.d_res_low                        . 
# 
loop_
_struct_ncs_oper.id 
_struct_ncs_oper.code 
_struct_ncs_oper.details 
_struct_ncs_oper.matrix[1][1] 
_struct_ncs_oper.matrix[1][2] 
_struct_ncs_oper.matrix[1][3] 
_struct_ncs_oper.matrix[2][1] 
_struct_ncs_oper.matrix[2][2] 
_struct_ncs_oper.matrix[2][3] 
_struct_ncs_oper.matrix[3][1] 
_struct_ncs_oper.matrix[3][2] 
_struct_ncs_oper.matrix[3][3] 
_struct_ncs_oper.vector[1] 
_struct_ncs_oper.vector[2] 
_struct_ncs_oper.vector[3] 
1 generate ? -0.27353147 0.10855090  -0.95571787 -0.92625625 0.23811805 0.29214516 0.25928613  0.96515084 0.03541342 -109.85542 -97.38757 42.89975  
2 generate ? -0.27353147 -0.92625625 0.25928613  0.10855090  0.23811805 0.96515084 -0.95571787 0.29214516 0.03541342 -131.41169 -6.28255  -78.08942 
# 
_struct.entry_id                  1KGA 
_struct.title                     'STRUCTURE OF 2-KETO-3-DEOXY-6-PHOSPHOGLUCONATE ALDOLASE AT 2.8 ANGSTROMS RESOLUTION' 
_struct.pdbx_model_details        ? 
_struct.pdbx_CASP_flag            ? 
_struct.pdbx_model_type_details   ? 
# 
_struct_keywords.entry_id        1KGA 
_struct_keywords.pdbx_keywords   LYASE 
_struct_keywords.text            'LYASE (ALDEHYDE), LYASE' 
# 
_struct_asym.id                            A 
_struct_asym.pdbx_blank_PDB_chainid_flag   N 
_struct_asym.pdbx_modified                 N 
_struct_asym.entity_id                     1 
_struct_asym.details                       ? 
# 
_struct_ref.id                         1 
_struct_ref.entity_id                  1 
_struct_ref.db_name                    PDB 
_struct_ref.db_code                    1KGA 
_struct_ref.pdbx_db_accession          1KGA 
_struct_ref.pdbx_db_isoform            ? 
_struct_ref.pdbx_seq_one_letter_code   ? 
_struct_ref.pdbx_align_begin           ? 
# 
_struct_ref_seq.align_id                      1 
_struct_ref_seq.ref_id                        1 
_struct_ref_seq.pdbx_PDB_id_code              1KGA 
_struct_ref_seq.pdbx_strand_id                A 
_struct_ref_seq.seq_align_beg                 1 
_struct_ref_seq.pdbx_seq_align_beg_ins_code   ? 
_struct_ref_seq.seq_align_end                 219 
_struct_ref_seq.pdbx_seq_align_end_ins_code   ? 
_struct_ref_seq.pdbx_db_accession             1KGA 
_struct_ref_seq.db_align_beg                  -37 
_struct_ref_seq.pdbx_db_align_beg_ins_code    ? 
_struct_ref_seq.db_align_end                  181 
_struct_ref_seq.pdbx_db_align_end_ins_code    ? 
_struct_ref_seq.pdbx_auth_seq_align_beg       -37 
_struct_ref_seq.pdbx_auth_seq_align_end       181 
# 
_pdbx_struct_assembly.id                   1 
_pdbx_struct_assembly.details              author_defined_assembly 
_pdbx_struct_assembly.method_details       ? 
_pdbx_struct_assembly.oligomeric_details   monomeric 
_pdbx_struct_assembly.oligomeric_count     1 
# 
_pdbx_struct_assembly_gen.assembly_id       1 
_pdbx_struct_assembly_gen.oper_expression   1 
_pdbx_struct_assembly_gen.asym_id_list      A 
# 
_pdbx_struct_oper_list.id                   1 
_pdbx_struct_oper_list.type                 'identity operation' 
_pdbx_struct_oper_list.name                 1_555 
_pdbx_struct_oper_list.symmetry_operation   x,y,z 
_pdbx_struct_oper_list.matrix[1][1]         1.0000000000 
_pdbx_struct_oper_list.matrix[1][2]         0.0000000000 
_pdbx_struct_oper_list.matrix[1][3]         0.0000000000 
_pdbx_struct_oper_list.vector[1]            0.0000000000 
_pdbx_struct_oper_list.matrix[2][1]         0.0000000000 
_pdbx_struct_oper_list.matrix[2][2]         1.0000000000 
_pdbx_struct_oper_list.matrix[2][3]         0.0000000000 
_pdbx_struct_oper_list.vector[2]            0.0000000000 
_pdbx_struct_oper_list.matrix[3][1]         0.0000000000 
_pdbx_struct_oper_list.matrix[3][2]         0.0000000000 
_pdbx_struct_oper_list.matrix[3][3]         1.0000000000 
_pdbx_struct_oper_list.vector[3]            0.0000000000 
# 
_struct_biol.id        1 
_struct_biol.details   ? 
# 
loop_
_pdbx_validate_symm_contact.id 
_pdbx_validate_symm_contact.PDB_model_num 
_pdbx_validate_symm_contact.auth_atom_id_1 
_pdbx_validate_symm_contact.auth_asym_id_1 
_pdbx_validate_symm_contact.auth_comp_id_1 
_pdbx_validate_symm_contact.auth_seq_id_1 
_pdbx_validate_symm_contact.PDB_ins_code_1 
_pdbx_validate_symm_contact.label_alt_id_1 
_pdbx_validate_symm_contact.site_symmetry_1 
_pdbx_validate_symm_contact.auth_atom_id_2 
_pdbx_validate_symm_contact.auth_asym_id_2 
_pdbx_validate_symm_contact.auth_comp_id_2 
_pdbx_validate_symm_contact.auth_seq_id_2 
_pdbx_validate_symm_contact.PDB_ins_code_2 
_pdbx_validate_symm_contact.label_alt_id_2 
_pdbx_validate_symm_contact.site_symmetry_2 
_pdbx_validate_symm_contact.dist 
1 1 CA A UNK 21  ? ? 1_555 CA A UNK 26  ? ? 8_645  1.44 
2 1 CA A UNK 117 ? ? 1_555 CA A UNK 177 ? ? 8_645  1.52 
3 1 CA A UNK 41  ? ? 1_555 CA A UNK 99  ? ? 11_556 1.59 
4 1 CA A UNK 48  ? ? 1_555 CA A UNK 48  ? ? 8_645  1.59 
5 1 CA A UNK 51  ? ? 1_555 CA A UNK 78  ? ? 11_556 1.62 
6 1 CA A UNK 22  ? ? 1_555 CA A UNK 25  ? ? 8_645  1.85 
7 1 CA A UNK 95  ? ? 1_555 CA A UNK 169 ? ? 8_645  1.94 
8 1 CA A UNK 12  ? ? 1_555 CA A UNK 158 ? ? 8_645  2.08 
# 
_pdbx_entry_details.entry_id                 1KGA 
_pdbx_entry_details.compound_details         ? 
_pdbx_entry_details.source_details           ? 
_pdbx_entry_details.nonpolymer_details       ? 
_pdbx_entry_details.sequence_details         
;RECENT SEQUENCE INFORMATION FROM W.A.WOOD AND CO-WORKERS
IMPLIES THE PRESENCE OF ABOUT 20 AMINO ACIDS IN ADDITION TO
THOSE FOR WHICH COORDINATES ARE GIVEN IN THIS ENTRY.  THESE
RESIDUES MAY BE PRESENT AT THE CARBOXY TERMINUS OF THE
CHAIN AS PRESENTED HERE.
;
_pdbx_entry_details.has_ligand_of_interest   ? 
# 
loop_
_pdbx_unobs_or_zero_occ_residues.id 
_pdbx_unobs_or_zero_occ_residues.PDB_model_num 
_pdbx_unobs_or_zero_occ_residues.polymer_flag 
_pdbx_unobs_or_zero_occ_residues.occupancy_flag 
_pdbx_unobs_or_zero_occ_residues.auth_asym_id 
_pdbx_unobs_or_zero_occ_residues.auth_comp_id 
_pdbx_unobs_or_zero_occ_residues.auth_seq_id 
_pdbx_unobs_or_zero_occ_residues.PDB_ins_code 
_pdbx_unobs_or_zero_occ_residues.label_asym_id 
_pdbx_unobs_or_zero_occ_residues.label_comp_id 
_pdbx_unobs_or_zero_occ_residues.label_seq_id 
1  1 Y 1 A UNK -37 ? A UNK 1  
2  1 Y 1 A UNK -36 ? A UNK 2  
3  1 Y 1 A UNK -35 ? A UNK 3  
4  1 Y 1 A UNK -34 ? A UNK 4  
5  1 Y 1 A UNK -33 ? A UNK 5  
6  1 Y 1 A UNK -32 ? A UNK 6  
7  1 Y 1 A UNK -31 ? A UNK 7  
8  1 Y 1 A UNK -30 ? A UNK 8  
9  1 Y 1 A UNK -29 ? A UNK 9  
10 1 Y 1 A UNK -28 ? A UNK 10 
11 1 Y 1 A UNK -27 ? A UNK 11 
12 1 Y 1 A UNK -26 ? A UNK 12 
13 1 Y 1 A UNK -25 ? A UNK 13 
14 1 Y 1 A UNK -24 ? A UNK 14 
15 1 Y 1 A UNK -23 ? A UNK 15 
16 1 Y 1 A UNK -22 ? A UNK 16 
17 1 Y 1 A UNK -21 ? A UNK 17 
18 1 Y 1 A UNK -20 ? A UNK 18 
19 1 Y 1 A UNK -19 ? A UNK 19 
20 1 Y 1 A UNK -18 ? A UNK 20 
21 1 Y 1 A UNK -17 ? A UNK 21 
22 1 Y 1 A UNK -16 ? A UNK 22 
23 1 Y 1 A UNK -15 ? A UNK 23 
24 1 Y 1 A UNK -14 ? A UNK 24 
25 1 Y 1 A UNK -13 ? A UNK 25 
26 1 Y 1 A UNK -12 ? A UNK 26 
27 1 Y 1 A UNK -11 ? A UNK 27 
28 1 Y 1 A UNK -10 ? A UNK 28 
29 1 Y 1 A UNK -9  ? A UNK 29 
30 1 Y 1 A UNK -8  ? A UNK 30 
31 1 Y 1 A UNK -7  ? A UNK 31 
32 1 Y 1 A UNK -6  ? A UNK 32 
33 1 Y 1 A UNK -5  ? A UNK 33 
34 1 Y 1 A UNK -4  ? A UNK 34 
35 1 Y 1 A UNK -3  ? A UNK 35 
36 1 Y 1 A UNK -2  ? A UNK 36 
37 1 Y 1 A UNK -1  ? A UNK 37 
38 1 Y 1 A UNK 0   ? A UNK 38 
39 1 Y 1 A UNK 1   ? A UNK 39 
40 1 Y 1 A UNK 2   ? A UNK 40 
41 1 Y 1 A UNK 3   ? A UNK 41 
42 1 Y 1 A UNK 4   ? A UNK 42 
43 1 Y 1 A UNK 5   ? A UNK 43 
44 1 Y 1 A UNK 6   ? A UNK 44 
45 1 Y 1 A UNK 7   ? A UNK 45 
46 1 Y 1 A UNK 8   ? A UNK 46 
# 
_pdbx_coordinate_model.asym_id   A 
_pdbx_coordinate_model.type      'CA ATOMS ONLY' 
# 
_atom_sites.entry_id                    1KGA 
_atom_sites.fract_transf_matrix[1][1]   0.00336623 
_atom_sites.fract_transf_matrix[1][2]   -0.00472531 
_atom_sites.fract_transf_matrix[1][3]   0.00773745 
_atom_sites.fract_transf_matrix[2][1]   0.00825081 
_atom_sites.fract_transf_matrix[2][2]   0.00501761 
_atom_sites.fract_transf_matrix[2][3]   -0.00052529 
_atom_sites.fract_transf_matrix[3][1]   -0.00375777 
_atom_sites.fract_transf_matrix[3][2]   0.00678404 
_atom_sites.fract_transf_matrix[3][3]   0.00577790 
_atom_sites.fract_transf_vector[1]      0.712686 
_atom_sites.fract_transf_vector[2]      0.393800 
_atom_sites.fract_transf_vector[3]      0.210341 
# 
_atom_type.symbol   C 
# 
loop_
_atom_site.group_PDB 
_atom_site.id 
_atom_site.type_symbol 
_atom_site.label_atom_id 
_atom_site.label_alt_id 
_atom_site.label_comp_id 
_atom_site.label_asym_id 
_atom_site.label_entity_id 
_atom_site.label_seq_id 
_atom_site.pdbx_PDB_ins_code 
_atom_site.Cartn_x 
_atom_site.Cartn_y 
_atom_site.Cartn_z 
_atom_site.occupancy 
_atom_site.B_iso_or_equiv 
_atom_site.pdbx_formal_charge 
_atom_site.auth_seq_id 
_atom_site.auth_comp_id 
_atom_site.auth_asym_id 
_atom_site.auth_atom_id 
_atom_site.pdbx_PDB_model_num 
ATOM 1   C CA . UNK A 1 47  ? 3.504   -20.175 -6.588  1.00 0.00 ? 9   UNK A CA 1 
ATOM 2   C CA . UNK A 1 48  ? -0.368  -19.326 -7.759  1.00 0.00 ? 10  UNK A CA 1 
ATOM 3   C CA . UNK A 1 49  ? -2.109  -18.006 -11.445 1.00 0.00 ? 11  UNK A CA 1 
ATOM 4   C CA . UNK A 1 50  ? -5.311  -16.679 -12.241 1.00 0.00 ? 12  UNK A CA 1 
ATOM 5   C CA . UNK A 1 51  ? -6.893  -12.538 -12.274 1.00 0.00 ? 13  UNK A CA 1 
ATOM 6   C CA . UNK A 1 52  ? -9.797  -13.690 -9.964  1.00 0.00 ? 14  UNK A CA 1 
ATOM 7   C CA . UNK A 1 53  ? -7.729  -15.656 -7.315  1.00 0.00 ? 15  UNK A CA 1 
ATOM 8   C CA . UNK A 1 54  ? -5.093  -12.647 -7.125  1.00 0.00 ? 16  UNK A CA 1 
ATOM 9   C CA . UNK A 1 55  ? -7.816  -10.042 -6.598  1.00 0.00 ? 17  UNK A CA 1 
ATOM 10  C CA . UNK A 1 56  ? -9.781  -12.308 -3.877  1.00 0.00 ? 18  UNK A CA 1 
ATOM 11  C CA . UNK A 1 57  ? -6.615  -13.444 -1.824  1.00 0.00 ? 19  UNK A CA 1 
ATOM 12  C CA . UNK A 1 58  ? -5.666  -9.190  -1.514  1.00 0.00 ? 20  UNK A CA 1 
ATOM 13  C CA . UNK A 1 59  ? -9.111  -8.379  -0.020  1.00 0.00 ? 21  UNK A CA 1 
ATOM 14  C CA . UNK A 1 60  ? -8.765  -10.971 2.746   1.00 0.00 ? 22  UNK A CA 1 
ATOM 15  C CA . UNK A 1 61  ? -4.931  -10.300 3.113   1.00 0.00 ? 23  UNK A CA 1 
ATOM 16  C CA . UNK A 1 62  ? -5.850  -6.434  3.499   1.00 0.00 ? 24  UNK A CA 1 
ATOM 17  C CA . UNK A 1 63  ? -7.003  -6.049  7.486   1.00 0.00 ? 25  UNK A CA 1 
ATOM 18  C CA . UNK A 1 64  ? -8.696  -2.721  9.005   1.00 0.00 ? 26  UNK A CA 1 
ATOM 19  C CA . UNK A 1 65  ? -6.469  0.036   7.719   1.00 0.00 ? 27  UNK A CA 1 
ATOM 20  C CA . UNK A 1 66  ? -3.007  1.059   5.589   1.00 0.00 ? 28  UNK A CA 1 
ATOM 21  C CA . UNK A 1 67  ? 0.427   2.496   6.972   1.00 0.00 ? 29  UNK A CA 1 
ATOM 22  C CA . UNK A 1 68  ? 3.624   3.641   5.530   1.00 0.00 ? 30  UNK A CA 1 
ATOM 23  C CA . UNK A 1 69  ? 7.298   4.288   6.826   1.00 0.00 ? 31  UNK A CA 1 
ATOM 24  C CA . UNK A 1 70  ? 11.022  5.240   6.288   1.00 0.00 ? 32  UNK A CA 1 
ATOM 25  C CA . UNK A 1 71  ? 14.408  5.667   8.325   1.00 0.00 ? 33  UNK A CA 1 
ATOM 26  C CA . UNK A 1 72  ? 17.433  3.247   8.781   1.00 0.00 ? 34  UNK A CA 1 
ATOM 27  C CA . UNK A 1 73  ? 18.826  1.946   10.880  1.00 0.00 ? 35  UNK A CA 1 
ATOM 28  C CA . UNK A 1 74  ? 18.515  3.476   15.075  1.00 0.00 ? 36  UNK A CA 1 
ATOM 29  C CA . UNK A 1 75  ? 15.329  1.378   16.804  1.00 0.00 ? 37  UNK A CA 1 
ATOM 30  C CA . UNK A 1 76  ? 12.507  -0.996  16.083  1.00 0.00 ? 38  UNK A CA 1 
ATOM 31  C CA . UNK A 1 77  ? 9.202   -2.208  17.030  1.00 0.00 ? 39  UNK A CA 1 
ATOM 32  C CA . UNK A 1 78  ? 5.177   -3.111  16.980  1.00 0.00 ? 40  UNK A CA 1 
ATOM 33  C CA . UNK A 1 79  ? 1.062   -1.330  17.233  1.00 0.00 ? 41  UNK A CA 1 
ATOM 34  C CA . UNK A 1 80  ? -2.438  -3.017  16.101  1.00 0.00 ? 42  UNK A CA 1 
ATOM 35  C CA . UNK A 1 81  ? -1.045  -5.081  12.734  1.00 0.00 ? 43  UNK A CA 1 
ATOM 36  C CA . UNK A 1 82  ? 0.486   -6.544  9.925   1.00 0.00 ? 44  UNK A CA 1 
ATOM 37  C CA . UNK A 1 83  ? 1.761   -4.324  6.976   1.00 0.00 ? 45  UNK A CA 1 
ATOM 38  C CA . UNK A 1 84  ? 3.006   -7.038  4.277   1.00 0.00 ? 46  UNK A CA 1 
ATOM 39  C CA . UNK A 1 85  ? 0.400   -10.074 4.306   1.00 0.00 ? 47  UNK A CA 1 
ATOM 40  C CA . UNK A 1 86  ? 2.157   -12.276 7.197   1.00 0.00 ? 48  UNK A CA 1 
ATOM 41  C CA . UNK A 1 87  ? 2.044   -12.241 11.267  1.00 0.00 ? 49  UNK A CA 1 
ATOM 42  C CA . UNK A 1 88  ? 6.169   -11.463 11.697  1.00 0.00 ? 50  UNK A CA 1 
ATOM 43  C CA . UNK A 1 89  ? 8.989   -11.989 14.149  1.00 0.00 ? 51  UNK A CA 1 
ATOM 44  C CA . UNK A 1 90  ? 12.635  -10.335 13.573  1.00 0.00 ? 52  UNK A CA 1 
ATOM 45  C CA . UNK A 1 91  ? 12.468  -7.681  10.517  1.00 0.00 ? 53  UNK A CA 1 
ATOM 46  C CA . UNK A 1 92  ? 14.240  -9.373  7.463   1.00 0.00 ? 54  UNK A CA 1 
ATOM 47  C CA . UNK A 1 93  ? 11.664  -7.505  5.100   1.00 0.00 ? 55  UNK A CA 1 
ATOM 48  C CA . UNK A 1 94  ? 11.828  -3.725  6.962   1.00 0.00 ? 56  UNK A CA 1 
ATOM 49  C CA . UNK A 1 95  ? 15.635  -3.936  7.677   1.00 0.00 ? 57  UNK A CA 1 
ATOM 50  C CA . UNK A 1 96  ? 16.121  -5.148  3.725   1.00 0.00 ? 58  UNK A CA 1 
ATOM 51  C CA . UNK A 1 97  ? 13.858  -2.361  2.162   1.00 0.00 ? 59  UNK A CA 1 
ATOM 52  C CA . UNK A 1 98  ? 15.104  0.088   4.615   1.00 0.00 ? 60  UNK A CA 1 
ATOM 53  C CA . UNK A 1 99  ? 17.623  2.246   2.213   1.00 0.00 ? 61  UNK A CA 1 
ATOM 54  C CA . UNK A 1 100 ? 13.731  3.293   0.796   1.00 0.00 ? 62  UNK A CA 1 
ATOM 55  C CA . UNK A 1 101 ? 10.593  2.768   1.715   1.00 0.00 ? 63  UNK A CA 1 
ATOM 56  C CA . UNK A 1 102 ? 7.530   5.258   1.319   1.00 0.00 ? 64  UNK A CA 1 
ATOM 57  C CA . UNK A 1 103 ? 5.297   6.160   -3.034  1.00 0.00 ? 65  UNK A CA 1 
ATOM 58  C CA . UNK A 1 104 ? 8.087   3.009   -4.047  1.00 0.00 ? 66  UNK A CA 1 
ATOM 59  C CA . UNK A 1 105 ? 10.282  2.159   -7.146  1.00 0.00 ? 67  UNK A CA 1 
ATOM 60  C CA . UNK A 1 106 ? 10.445  0.541   -10.830 1.00 0.00 ? 68  UNK A CA 1 
ATOM 61  C CA . UNK A 1 107 ? 12.049  -2.818  -12.204 1.00 0.00 ? 69  UNK A CA 1 
ATOM 62  C CA . UNK A 1 108 ? 13.641  -5.614  -10.229 1.00 0.00 ? 70  UNK A CA 1 
ATOM 63  C CA . UNK A 1 109 ? 9.780   -6.811  -8.656  1.00 0.00 ? 71  UNK A CA 1 
ATOM 64  C CA . UNK A 1 110 ? 10.585  -10.936 -9.650  1.00 0.00 ? 72  UNK A CA 1 
ATOM 65  C CA . UNK A 1 111 ? 14.305  -10.729 -8.143  1.00 0.00 ? 73  UNK A CA 1 
ATOM 66  C CA . UNK A 1 112 ? 13.115  -8.824  -4.961  1.00 0.00 ? 74  UNK A CA 1 
ATOM 67  C CA . UNK A 1 113 ? 10.121  -11.159 -4.335  1.00 0.00 ? 75  UNK A CA 1 
ATOM 68  C CA . UNK A 1 114 ? 12.347  -14.487 -4.836  1.00 0.00 ? 76  UNK A CA 1 
ATOM 69  C CA . UNK A 1 115 ? 13.145  -14.437 -1.028  1.00 0.00 ? 77  UNK A CA 1 
ATOM 70  C CA . UNK A 1 116 ? 9.564   -12.421 0.636   1.00 0.00 ? 78  UNK A CA 1 
ATOM 71  C CA . UNK A 1 117 ? 5.624   -13.273 0.580   1.00 0.00 ? 79  UNK A CA 1 
ATOM 72  C CA . UNK A 1 118 ? 2.996   -10.240 -0.674  1.00 0.00 ? 80  UNK A CA 1 
ATOM 73  C CA . UNK A 1 119 ? 3.742   -6.184  -1.771  1.00 0.00 ? 81  UNK A CA 1 
ATOM 74  C CA . UNK A 1 120 ? 3.671   -4.431  -4.544  1.00 0.00 ? 82  UNK A CA 1 
ATOM 75  C CA . UNK A 1 121 ? 4.317   -0.249  -6.021  1.00 0.00 ? 83  UNK A CA 1 
ATOM 76  C CA . UNK A 1 122 ? 4.634   1.598   -9.156  1.00 0.00 ? 84  UNK A CA 1 
ATOM 77  C CA . UNK A 1 123 ? 2.179   2.439   -12.074 1.00 0.00 ? 85  UNK A CA 1 
ATOM 78  C CA . UNK A 1 124 ? 2.207   3.383   -15.509 1.00 0.00 ? 86  UNK A CA 1 
ATOM 79  C CA . UNK A 1 125 ? 2.614   1.188   -19.027 1.00 0.00 ? 87  UNK A CA 1 
ATOM 80  C CA . UNK A 1 126 ? 4.362   -2.061  -20.771 1.00 0.00 ? 88  UNK A CA 1 
ATOM 81  C CA . UNK A 1 127 ? 7.158   -3.490  -18.111 1.00 0.00 ? 89  UNK A CA 1 
ATOM 82  C CA . UNK A 1 128 ? 4.204   -3.150  -15.243 1.00 0.00 ? 90  UNK A CA 1 
ATOM 83  C CA . UNK A 1 129 ? 1.387   -4.330  -17.363 1.00 0.00 ? 91  UNK A CA 1 
ATOM 84  C CA . UNK A 1 130 ? 3.340   -7.289  -18.645 1.00 0.00 ? 92  UNK A CA 1 
ATOM 85  C CA . UNK A 1 131 ? 4.883   -7.910  -15.071 1.00 0.00 ? 93  UNK A CA 1 
ATOM 86  C CA . UNK A 1 132 ? 1.588   -7.685  -13.125 1.00 0.00 ? 94  UNK A CA 1 
ATOM 87  C CA . UNK A 1 133 ? 1.122   -10.620 -15.339 1.00 0.00 ? 95  UNK A CA 1 
ATOM 88  C CA . UNK A 1 134 ? 4.136   -12.293 -13.423 1.00 0.00 ? 96  UNK A CA 1 
ATOM 89  C CA . UNK A 1 135 ? 2.876   -14.128 -10.246 1.00 0.00 ? 97  UNK A CA 1 
ATOM 90  C CA . UNK A 1 136 ? 1.647   -13.276 -6.690  1.00 0.00 ? 98  UNK A CA 1 
ATOM 91  C CA . UNK A 1 137 ? 0.761   -9.786  -5.674  1.00 0.00 ? 99  UNK A CA 1 
ATOM 92  C CA . UNK A 1 138 ? -0.019  -6.849  -8.290  1.00 0.00 ? 100 UNK A CA 1 
ATOM 93  C CA . UNK A 1 139 ? -0.563  -2.498  -8.396  1.00 0.00 ? 101 UNK A CA 1 
ATOM 94  C CA . UNK A 1 140 ? -1.219  0.656   -10.684 1.00 0.00 ? 102 UNK A CA 1 
ATOM 95  C CA . UNK A 1 141 ? -2.848  4.113   -10.614 1.00 0.00 ? 103 UNK A CA 1 
ATOM 96  C CA . UNK A 1 142 ? -3.711  6.323   -12.264 1.00 0.00 ? 104 UNK A CA 1 
ATOM 97  C CA . UNK A 1 143 ? -7.800  6.476   -14.266 1.00 0.00 ? 105 UNK A CA 1 
ATOM 98  C CA . UNK A 1 144 ? -6.788  8.113   -17.706 1.00 0.00 ? 106 UNK A CA 1 
ATOM 99  C CA . UNK A 1 145 ? -3.886  5.804   -18.129 1.00 0.00 ? 107 UNK A CA 1 
ATOM 100 C CA . UNK A 1 146 ? -6.059  2.566   -16.912 1.00 0.00 ? 108 UNK A CA 1 
ATOM 101 C CA . UNK A 1 147 ? -9.074  3.442   -19.064 1.00 0.00 ? 109 UNK A CA 1 
ATOM 102 C CA . UNK A 1 148 ? -6.712  3.841   -22.348 1.00 0.00 ? 110 UNK A CA 1 
ATOM 103 C CA . UNK A 1 149 ? -6.220  -0.142  -21.370 1.00 0.00 ? 111 UNK A CA 1 
ATOM 104 C CA . UNK A 1 150 ? -4.684  -2.548  -18.383 1.00 0.00 ? 112 UNK A CA 1 
ATOM 105 C CA . UNK A 1 151 ? -6.724  -5.755  -18.454 1.00 0.00 ? 113 UNK A CA 1 
ATOM 106 C CA . UNK A 1 152 ? -10.320 -6.542  -19.870 1.00 0.00 ? 114 UNK A CA 1 
ATOM 107 C CA . UNK A 1 153 ? -10.852 -7.605  -16.288 1.00 0.00 ? 115 UNK A CA 1 
ATOM 108 C CA . UNK A 1 154 ? -8.606  -5.998  -13.534 1.00 0.00 ? 116 UNK A CA 1 
ATOM 109 C CA . UNK A 1 155 ? -8.441  -4.905  -9.689  1.00 0.00 ? 117 UNK A CA 1 
ATOM 110 C CA . UNK A 1 156 ? -6.264  -2.312  -7.803  1.00 0.00 ? 118 UNK A CA 1 
ATOM 111 C CA . UNK A 1 157 ? -6.710  1.935   -7.389  1.00 0.00 ? 119 UNK A CA 1 
ATOM 112 C CA . UNK A 1 158 ? -4.435  4.843   -6.478  1.00 0.00 ? 120 UNK A CA 1 
ATOM 113 C CA . UNK A 1 159 ? -3.887  7.942   -5.074  1.00 0.00 ? 121 UNK A CA 1 
ATOM 114 C CA . UNK A 1 160 ? -1.442  10.924  -6.316  1.00 0.00 ? 122 UNK A CA 1 
ATOM 115 C CA . UNK A 1 161 ? -4.001  14.095  -7.016  1.00 0.00 ? 123 UNK A CA 1 
ATOM 116 C CA . UNK A 1 162 ? -7.895  13.835  -6.231  1.00 0.00 ? 124 UNK A CA 1 
ATOM 117 C CA . UNK A 1 163 ? -10.397 14.428  -3.030  1.00 0.00 ? 125 UNK A CA 1 
ATOM 118 C CA . UNK A 1 164 ? -13.298 11.541  -2.532  1.00 0.00 ? 126 UNK A CA 1 
ATOM 119 C CA . UNK A 1 165 ? -14.689 11.341  -6.048  1.00 0.00 ? 127 UNK A CA 1 
ATOM 120 C CA . UNK A 1 166 ? -16.963 8.228   -5.210  1.00 0.00 ? 128 UNK A CA 1 
ATOM 121 C CA . UNK A 1 167 ? -18.874 8.321   -8.571  1.00 0.00 ? 129 UNK A CA 1 
ATOM 122 C CA . UNK A 1 168 ? -15.205 8.725   -9.671  1.00 0.00 ? 130 UNK A CA 1 
ATOM 123 C CA . UNK A 1 169 ? -13.762 5.811   -9.329  1.00 0.00 ? 131 UNK A CA 1 
ATOM 124 C CA . UNK A 1 170 ? -17.112 3.772   -9.616  1.00 0.00 ? 132 UNK A CA 1 
ATOM 125 C CA . UNK A 1 171 ? -17.100 4.894   -13.436 1.00 0.00 ? 133 UNK A CA 1 
ATOM 126 C CA . UNK A 1 172 ? -14.904 1.593   -14.158 1.00 0.00 ? 134 UNK A CA 1 
ATOM 127 C CA . UNK A 1 173 ? -13.332 -1.096  -11.484 1.00 0.00 ? 135 UNK A CA 1 
ATOM 128 C CA . UNK A 1 174 ? -13.042 -0.021  -7.704  1.00 0.00 ? 136 UNK A CA 1 
ATOM 129 C CA . UNK A 1 175 ? -10.393 0.707   -5.162  1.00 0.00 ? 137 UNK A CA 1 
ATOM 130 C CA . UNK A 1 176 ? -9.474  3.895   -2.616  1.00 0.00 ? 138 UNK A CA 1 
ATOM 131 C CA . UNK A 1 177 ? -6.578  5.823   -1.323  1.00 0.00 ? 139 UNK A CA 1 
ATOM 132 C CA . UNK A 1 178 ? -6.510  4.774   2.631   1.00 0.00 ? 140 UNK A CA 1 
ATOM 133 C CA . UNK A 1 179 ? -9.256  1.841   3.285   1.00 0.00 ? 141 UNK A CA 1 
ATOM 134 C CA . UNK A 1 180 ? -12.005 1.800   0.206   1.00 0.00 ? 142 UNK A CA 1 
ATOM 135 C CA . UNK A 1 181 ? -14.920 4.144   -1.094  1.00 0.00 ? 143 UNK A CA 1 
ATOM 136 C CA . UNK A 1 182 ? -13.707 6.763   2.478   1.00 0.00 ? 144 UNK A CA 1 
ATOM 137 C CA . UNK A 1 183 ? -16.013 9.252   4.751   1.00 0.00 ? 145 UNK A CA 1 
ATOM 138 C CA . UNK A 1 184 ? -15.821 12.882  5.635   1.00 0.00 ? 146 UNK A CA 1 
ATOM 139 C CA . UNK A 1 185 ? -13.925 13.201  9.004   1.00 0.00 ? 147 UNK A CA 1 
ATOM 140 C CA . UNK A 1 186 ? -10.409 11.496  7.434   1.00 0.00 ? 148 UNK A CA 1 
ATOM 141 C CA . UNK A 1 187 ? -10.918 13.942  4.399   1.00 0.00 ? 149 UNK A CA 1 
ATOM 142 C CA . UNK A 1 188 ? -10.711 17.304  6.612   1.00 0.00 ? 150 UNK A CA 1 
ATOM 143 C CA . UNK A 1 189 ? -8.931  15.444  9.451   1.00 0.00 ? 151 UNK A CA 1 
ATOM 144 C CA . UNK A 1 190 ? -6.197  13.776  6.994   1.00 0.00 ? 152 UNK A CA 1 
ATOM 145 C CA . UNK A 1 191 ? -5.170  15.563  3.388   1.00 0.00 ? 153 UNK A CA 1 
ATOM 146 C CA . UNK A 1 192 ? -3.328  13.774  0.494   1.00 0.00 ? 154 UNK A CA 1 
ATOM 147 C CA . UNK A 1 193 ? -0.661  11.466  1.924   1.00 0.00 ? 155 UNK A CA 1 
ATOM 148 C CA . UNK A 1 194 ? 1.817   11.203  5.185   1.00 0.00 ? 156 UNK A CA 1 
ATOM 149 C CA . UNK A 1 195 ? 1.348   8.818   8.182   1.00 0.00 ? 157 UNK A CA 1 
ATOM 150 C CA . UNK A 1 196 ? 1.885   9.203   12.933  1.00 0.00 ? 158 UNK A CA 1 
ATOM 151 C CA . UNK A 1 197 ? 4.941   11.809  12.195  1.00 0.00 ? 159 UNK A CA 1 
ATOM 152 C CA . UNK A 1 198 ? 7.169   14.096  10.123  1.00 0.00 ? 160 UNK A CA 1 
ATOM 153 C CA . UNK A 1 199 ? 10.472  12.643  11.298  1.00 0.00 ? 161 UNK A CA 1 
ATOM 154 C CA . UNK A 1 200 ? 11.469  14.802  14.433  1.00 0.00 ? 162 UNK A CA 1 
ATOM 155 C CA . UNK A 1 201 ? 9.022   13.321  17.092  1.00 0.00 ? 163 UNK A CA 1 
ATOM 156 C CA . UNK A 1 202 ? 9.943   8.985   15.919  1.00 0.00 ? 164 UNK A CA 1 
ATOM 157 C CA . UNK A 1 203 ? 13.903  10.527  15.513  1.00 0.00 ? 165 UNK A CA 1 
ATOM 158 C CA . UNK A 1 204 ? 13.813  11.465  19.374  1.00 0.00 ? 166 UNK A CA 1 
ATOM 159 C CA . UNK A 1 205 ? 11.478  8.080   20.323  1.00 0.00 ? 167 UNK A CA 1 
ATOM 160 C CA . UNK A 1 206 ? 7.918   6.570   19.949  1.00 0.00 ? 168 UNK A CA 1 
ATOM 161 C CA . UNK A 1 207 ? 5.408   4.695   21.522  1.00 0.00 ? 169 UNK A CA 1 
ATOM 162 C CA . UNK A 1 208 ? 2.780   7.104   23.511  1.00 0.00 ? 170 UNK A CA 1 
ATOM 163 C CA . UNK A 1 209 ? 2.132   9.511   19.763  1.00 0.00 ? 171 UNK A CA 1 
ATOM 164 C CA . UNK A 1 210 ? 2.166   5.828   18.250  1.00 0.00 ? 172 UNK A CA 1 
ATOM 165 C CA . UNK A 1 211 ? -0.473  3.432   20.184  1.00 0.00 ? 173 UNK A CA 1 
ATOM 166 C CA . UNK A 1 212 ? -2.444  7.478   20.512  1.00 0.00 ? 174 UNK A CA 1 
ATOM 167 C CA . UNK A 1 213 ? -1.908  7.724   16.555  1.00 0.00 ? 175 UNK A CA 1 
ATOM 168 C CA . UNK A 1 214 ? -3.277  3.873   17.173  1.00 0.00 ? 176 UNK A CA 1 
ATOM 169 C CA . UNK A 1 215 ? -5.947  4.546   18.496  1.00 0.00 ? 177 UNK A CA 1 
ATOM 170 C CA . UNK A 1 216 ? -6.813  7.666   16.279  1.00 0.00 ? 178 UNK A CA 1 
ATOM 171 C CA . UNK A 1 217 ? -6.903  4.890   14.123  1.00 0.00 ? 179 UNK A CA 1 
ATOM 172 C CA . UNK A 1 218 ? -9.496  3.177   15.954  1.00 0.00 ? 180 UNK A CA 1 
ATOM 173 C CA . UNK A 1 219 ? -11.730 5.752   16.499  1.00 0.00 ? 181 UNK A CA 1 
# 
